data_5O6T
#
_entry.id   5O6T
#
_cell.length_a   35.715
_cell.length_b   69.972
_cell.length_c   109.747
_cell.angle_alpha   90.00
_cell.angle_beta   90.00
_cell.angle_gamma   90.00
#
_symmetry.space_group_name_H-M   'P 21 21 21'
#
loop_
_entity.id
_entity.type
_entity.pdbx_description
1 polymer 'E3 ubiquitin-protein ligase XIAP'
2 polymer Polyubiquitin-B
3 non-polymer 'ZINC ION'
4 non-polymer 1,2-ETHANEDIOL
5 water water
#
loop_
_entity_poly.entity_id
_entity_poly.type
_entity_poly.pdbx_seq_one_letter_code
_entity_poly.pdbx_strand_id
1 'polypeptide(L)' GSEISTEEQLRRLQEEKLCKICMDRNIAIVFVPCGHLVTCKQCAEAVDKCPMCYTVITFKQKIFMS A,B
2 'polypeptide(L)' GSMQILVTTISAETIRLEVEPSDTIENVKAKIQDKEGIPPDQQRLFFEGKQLEDGRTLSDYNINKKSTLLLVVKFHRVAS C,D
#
# COMPACT_ATOMS: atom_id res chain seq x y z
N GLU A 3 -21.14 28.04 11.80
CA GLU A 3 -22.10 28.23 12.90
C GLU A 3 -22.58 26.88 13.49
N ILE A 4 -21.79 25.81 13.30
CA ILE A 4 -22.13 24.46 13.81
C ILE A 4 -21.61 24.36 15.25
N SER A 5 -22.45 23.86 16.19
CA SER A 5 -22.08 23.69 17.60
C SER A 5 -20.87 22.76 17.79
N THR A 6 -20.15 22.90 18.91
CA THR A 6 -18.95 22.08 19.20
C THR A 6 -19.32 20.60 19.26
N GLU A 7 -20.45 20.29 19.91
CA GLU A 7 -20.93 18.92 20.04
C GLU A 7 -21.20 18.31 18.66
N GLU A 8 -21.82 19.09 17.74
CA GLU A 8 -22.09 18.60 16.39
C GLU A 8 -20.81 18.48 15.57
N GLN A 9 -19.84 19.43 15.72
CA GLN A 9 -18.58 19.34 14.97
C GLN A 9 -17.83 18.06 15.37
N LEU A 10 -17.85 17.73 16.68
CA LEU A 10 -17.17 16.53 17.17
C LEU A 10 -17.83 15.28 16.60
N ARG A 11 -19.18 15.21 16.66
CA ARG A 11 -19.91 14.07 16.14
C ARG A 11 -19.60 13.85 14.65
N ARG A 12 -19.52 14.91 13.86
CA ARG A 12 -19.18 14.81 12.45
C ARG A 12 -17.75 14.26 12.17
N LEU A 13 -16.74 14.69 12.95
CA LEU A 13 -15.40 14.18 12.74
C LEU A 13 -15.32 12.70 13.16
N GLN A 14 -16.06 12.34 14.20
CA GLN A 14 -16.10 10.93 14.66
C GLN A 14 -16.76 10.07 13.56
N GLU A 15 -17.83 10.57 12.94
CA GLU A 15 -18.52 9.83 11.88
C GLU A 15 -17.62 9.61 10.67
N GLU A 16 -16.74 10.59 10.38
CA GLU A 16 -15.78 10.53 9.28
C GLU A 16 -14.77 9.36 9.42
N LYS A 17 -14.53 8.84 10.62
CA LYS A 17 -13.63 7.73 10.86
C LYS A 17 -14.27 6.38 10.66
N LEU A 18 -15.61 6.32 10.51
CA LEU A 18 -16.32 5.05 10.38
C LEU A 18 -16.16 4.42 9.03
N CYS A 19 -16.05 3.09 9.04
CA CYS A 19 -16.08 2.25 7.85
C CYS A 19 -17.33 2.59 7.01
N LYS A 20 -17.18 2.75 5.70
CA LYS A 20 -18.34 3.09 4.86
C LYS A 20 -19.23 1.90 4.54
N ILE A 21 -18.81 0.66 4.85
CA ILE A 21 -19.65 -0.52 4.60
C ILE A 21 -20.52 -0.82 5.86
N CYS A 22 -19.90 -0.97 7.04
CA CYS A 22 -20.63 -1.29 8.27
C CYS A 22 -21.08 -0.08 9.08
N MET A 23 -20.41 1.07 8.93
CA MET A 23 -20.64 2.28 9.74
C MET A 23 -20.68 1.95 11.26
N ASP A 24 -19.85 1.01 11.68
CA ASP A 24 -19.77 0.49 13.06
C ASP A 24 -18.32 0.50 13.54
N ARG A 25 -17.46 -0.18 12.81
CA ARG A 25 -16.03 -0.25 13.10
C ARG A 25 -15.35 0.92 12.37
N ASN A 26 -14.24 1.44 12.92
N ASN A 26 -14.18 1.34 12.87
CA ASN A 26 -13.53 2.53 12.27
CA ASN A 26 -13.42 2.41 12.25
C ASN A 26 -12.69 2.02 11.10
C ASN A 26 -12.67 1.96 11.05
N ILE A 27 -12.36 2.93 10.18
CA ILE A 27 -11.57 2.64 9.00
C ILE A 27 -10.18 2.18 9.45
N ALA A 28 -9.66 1.16 8.77
CA ALA A 28 -8.38 0.54 9.13
C ALA A 28 -7.58 0.12 7.93
N ILE A 29 -8.08 0.27 6.70
CA ILE A 29 -7.40 -0.26 5.53
C ILE A 29 -7.31 0.77 4.45
N VAL A 30 -6.15 0.86 3.80
N VAL A 30 -6.15 0.81 3.76
CA VAL A 30 -6.03 1.66 2.59
CA VAL A 30 -5.95 1.62 2.56
C VAL A 30 -5.94 0.63 1.42
C VAL A 30 -5.88 0.64 1.38
N PHE A 31 -6.62 0.91 0.31
CA PHE A 31 -6.52 0.09 -0.86
C PHE A 31 -5.37 0.54 -1.73
N VAL A 32 -4.59 -0.42 -2.20
CA VAL A 32 -3.52 -0.22 -3.18
C VAL A 32 -4.06 -0.85 -4.47
N PRO A 33 -4.12 -0.12 -5.59
CA PRO A 33 -3.44 1.14 -5.87
C PRO A 33 -4.20 2.44 -5.71
N CYS A 34 -5.53 2.42 -5.58
CA CYS A 34 -6.31 3.70 -5.66
C CYS A 34 -6.14 4.61 -4.47
N GLY A 35 -5.77 4.06 -3.31
CA GLY A 35 -5.53 4.87 -2.14
C GLY A 35 -6.74 5.17 -1.29
N HIS A 36 -7.94 4.67 -1.65
CA HIS A 36 -9.07 5.03 -0.82
C HIS A 36 -9.02 4.37 0.52
N LEU A 37 -9.38 5.14 1.55
CA LEU A 37 -9.28 4.72 2.94
C LEU A 37 -10.69 4.75 3.43
N VAL A 38 -11.47 3.63 3.20
CA VAL A 38 -12.90 3.61 3.48
C VAL A 38 -13.48 2.36 4.16
N THR A 39 -12.67 1.37 4.52
CA THR A 39 -13.18 0.19 5.20
C THR A 39 -12.39 -0.18 6.43
N CYS A 40 -13.07 -0.89 7.35
CA CYS A 40 -12.45 -1.58 8.46
C CYS A 40 -11.83 -2.86 7.90
N LYS A 41 -11.09 -3.58 8.74
CA LYS A 41 -10.40 -4.79 8.30
C LYS A 41 -11.35 -5.89 7.84
N GLN A 42 -12.45 -6.04 8.56
CA GLN A 42 -13.41 -7.10 8.30
C GLN A 42 -14.14 -6.86 6.99
N CYS A 43 -14.65 -5.63 6.81
CA CYS A 43 -15.38 -5.29 5.57
C CYS A 43 -14.51 -5.27 4.34
N ALA A 44 -13.22 -4.95 4.51
CA ALA A 44 -12.31 -4.99 3.38
C ALA A 44 -12.28 -6.39 2.76
N GLU A 45 -12.50 -7.43 3.54
CA GLU A 45 -12.49 -8.79 3.00
C GLU A 45 -13.66 -9.07 2.09
N ALA A 46 -14.73 -8.26 2.13
CA ALA A 46 -15.88 -8.42 1.26
C ALA A 46 -15.81 -7.73 -0.09
N VAL A 47 -14.82 -6.84 -0.32
CA VAL A 47 -14.78 -6.10 -1.59
C VAL A 47 -13.61 -6.48 -2.44
N ASP A 48 -13.81 -6.62 -3.74
CA ASP A 48 -12.71 -6.86 -4.69
C ASP A 48 -12.38 -5.60 -5.48
N LYS A 49 -13.30 -4.61 -5.49
CA LYS A 49 -13.14 -3.33 -6.16
C LYS A 49 -13.43 -2.26 -5.14
N CYS A 50 -12.83 -1.10 -5.33
CA CYS A 50 -13.06 -0.02 -4.38
C CYS A 50 -14.50 0.44 -4.46
N PRO A 51 -15.22 0.58 -3.34
CA PRO A 51 -16.59 1.12 -3.46
C PRO A 51 -16.70 2.60 -3.86
N MET A 52 -15.60 3.38 -3.81
N MET A 52 -15.60 3.40 -3.78
CA MET A 52 -15.64 4.78 -4.16
CA MET A 52 -15.61 4.83 -4.13
C MET A 52 -15.37 4.96 -5.65
C MET A 52 -15.24 5.10 -5.60
N CYS A 53 -14.32 4.31 -6.18
CA CYS A 53 -13.89 4.51 -7.57
C CYS A 53 -13.94 3.30 -8.47
N TYR A 54 -14.26 2.12 -7.93
CA TYR A 54 -14.41 0.86 -8.65
C TYR A 54 -13.10 0.32 -9.22
N THR A 55 -11.95 0.86 -8.78
CA THR A 55 -10.66 0.32 -9.18
C THR A 55 -10.50 -1.04 -8.48
N VAL A 56 -10.01 -2.05 -9.24
CA VAL A 56 -9.70 -3.35 -8.67
C VAL A 56 -8.66 -3.18 -7.58
N ILE A 57 -8.87 -3.83 -6.42
CA ILE A 57 -7.94 -3.70 -5.31
C ILE A 57 -6.85 -4.75 -5.45
N THR A 58 -5.60 -4.31 -5.54
CA THR A 58 -4.45 -5.24 -5.62
C THR A 58 -4.02 -5.67 -4.22
N PHE A 59 -4.03 -4.76 -3.24
CA PHE A 59 -3.60 -5.11 -1.89
C PHE A 59 -4.32 -4.25 -0.85
N LYS A 60 -4.63 -4.85 0.31
CA LYS A 60 -5.34 -4.21 1.40
C LYS A 60 -4.33 -4.00 2.51
N GLN A 61 -3.90 -2.74 2.68
CA GLN A 61 -2.88 -2.36 3.66
C GLN A 61 -3.47 -1.86 4.95
N LYS A 62 -3.08 -2.48 6.06
N LYS A 62 -3.16 -2.51 6.09
CA LYS A 62 -3.52 -2.05 7.36
CA LYS A 62 -3.66 -2.05 7.38
C LYS A 62 -2.87 -0.71 7.69
C LYS A 62 -2.91 -0.80 7.80
N ILE A 63 -3.62 0.20 8.31
CA ILE A 63 -3.08 1.49 8.73
C ILE A 63 -2.87 1.57 10.23
N PHE A 64 -1.88 2.41 10.64
CA PHE A 64 -1.61 2.69 12.05
C PHE A 64 -1.41 4.19 12.20
N MET A 65 -2.18 4.82 13.07
CA MET A 65 -2.11 6.27 13.27
C MET A 65 -1.04 6.66 14.26
N SER A 66 -0.51 5.69 15.05
CA SER A 66 0.53 5.94 16.04
C SER A 66 1.53 4.79 16.13
N ILE B 4 -12.49 15.41 30.25
CA ILE B 4 -11.99 16.02 29.02
C ILE B 4 -13.12 16.80 28.31
N SER B 5 -12.96 18.13 28.20
CA SER B 5 -13.99 18.99 27.60
C SER B 5 -14.28 18.69 26.15
N THR B 6 -15.49 19.07 25.71
CA THR B 6 -15.92 18.84 24.31
C THR B 6 -15.01 19.61 23.33
N GLU B 7 -14.58 20.82 23.72
CA GLU B 7 -13.69 21.65 22.89
C GLU B 7 -12.35 20.95 22.74
N GLU B 8 -11.82 20.37 23.83
CA GLU B 8 -10.55 19.65 23.79
C GLU B 8 -10.68 18.32 22.99
N GLN B 9 -11.81 17.60 23.12
CA GLN B 9 -11.99 16.36 22.32
C GLN B 9 -11.98 16.69 20.82
N LEU B 10 -12.67 17.79 20.45
CA LEU B 10 -12.71 18.25 19.05
C LEU B 10 -11.31 18.64 18.59
N ARG B 11 -10.58 19.47 19.39
CA ARG B 11 -9.22 19.87 19.02
C ARG B 11 -8.33 18.64 18.82
N ARG B 12 -8.47 17.62 19.67
CA ARG B 12 -7.68 16.39 19.53
C ARG B 12 -7.99 15.60 18.23
N LEU B 13 -9.26 15.52 17.81
CA LEU B 13 -9.60 14.83 16.56
C LEU B 13 -9.12 15.64 15.39
N GLN B 14 -9.15 16.99 15.50
CA GLN B 14 -8.63 17.81 14.41
C GLN B 14 -7.10 17.61 14.29
N GLU B 15 -6.36 17.57 15.40
CA GLU B 15 -4.90 17.34 15.38
C GLU B 15 -4.52 15.98 14.86
N GLU B 16 -5.41 14.97 15.05
CA GLU B 16 -5.19 13.59 14.57
C GLU B 16 -5.07 13.58 13.03
N LYS B 17 -5.67 14.58 12.34
CA LYS B 17 -5.64 14.65 10.89
C LYS B 17 -4.36 15.28 10.37
N LEU B 18 -3.53 15.81 11.24
CA LEU B 18 -2.32 16.53 10.82
C LEU B 18 -1.11 15.65 10.65
N CYS B 19 -0.26 16.03 9.69
CA CYS B 19 1.04 15.38 9.49
C CYS B 19 1.79 15.48 10.83
N LYS B 20 2.33 14.38 11.34
CA LYS B 20 3.01 14.39 12.63
C LYS B 20 4.38 15.04 12.60
N ILE B 21 4.93 15.34 11.41
CA ILE B 21 6.22 16.02 11.30
C ILE B 21 5.97 17.54 11.29
N CYS B 22 5.28 18.06 10.24
CA CYS B 22 5.05 19.50 10.10
C CYS B 22 3.90 20.03 10.96
N MET B 23 2.91 19.17 11.34
CA MET B 23 1.72 19.61 12.08
C MET B 23 1.07 20.85 11.42
N ASP B 24 1.06 20.84 10.08
CA ASP B 24 0.60 21.96 9.27
C ASP B 24 -0.30 21.39 8.16
N ARG B 25 0.28 20.58 7.29
CA ARG B 25 -0.47 19.90 6.24
C ARG B 25 -1.09 18.66 6.81
N ASN B 26 -2.14 18.20 6.16
CA ASN B 26 -2.83 17.00 6.61
C ASN B 26 -2.08 15.74 6.21
N ILE B 27 -2.43 14.61 6.86
N ILE B 27 -2.32 14.64 6.94
CA ILE B 27 -1.80 13.34 6.54
CA ILE B 27 -1.79 13.33 6.55
C ILE B 27 -2.28 12.92 5.16
C ILE B 27 -2.23 13.00 5.11
N ALA B 28 -1.36 12.37 4.35
CA ALA B 28 -1.63 12.01 2.96
C ALA B 28 -1.00 10.73 2.52
N ILE B 29 -0.11 10.15 3.29
CA ILE B 29 0.66 9.00 2.83
C ILE B 29 0.64 7.90 3.81
N VAL B 30 0.50 6.69 3.33
N VAL B 30 0.39 6.67 3.34
CA VAL B 30 0.62 5.52 4.17
CA VAL B 30 0.56 5.44 4.12
C VAL B 30 1.86 4.78 3.69
C VAL B 30 1.87 4.81 3.67
N PHE B 31 2.72 4.40 4.63
CA PHE B 31 3.91 3.67 4.25
C PHE B 31 3.58 2.18 4.11
N VAL B 32 4.05 1.57 3.04
CA VAL B 32 3.96 0.12 2.83
C VAL B 32 5.38 -0.39 3.03
N PRO B 33 5.63 -1.36 3.90
CA PRO B 33 4.66 -2.30 4.51
C PRO B 33 4.22 -2.05 5.93
N CYS B 34 4.80 -1.11 6.67
CA CYS B 34 4.45 -0.97 8.10
C CYS B 34 3.08 -0.42 8.35
N GLY B 35 2.56 0.35 7.41
CA GLY B 35 1.21 0.86 7.54
C GLY B 35 1.07 2.19 8.25
N HIS B 36 2.19 2.78 8.74
CA HIS B 36 2.04 4.05 9.42
C HIS B 36 1.50 5.14 8.51
N LEU B 37 0.50 5.86 9.00
CA LEU B 37 -0.18 6.95 8.27
C LEU B 37 0.04 8.20 9.08
N VAL B 38 1.22 8.81 8.90
CA VAL B 38 1.69 9.87 9.77
C VAL B 38 2.29 11.09 9.07
N THR B 39 2.34 11.12 7.75
CA THR B 39 2.94 12.23 7.03
C THR B 39 2.11 12.75 5.90
N CYS B 40 2.36 14.02 5.58
CA CYS B 40 1.88 14.62 4.35
C CYS B 40 2.81 14.16 3.20
N LYS B 41 2.49 14.50 1.95
CA LYS B 41 3.32 14.12 0.80
C LYS B 41 4.70 14.75 0.86
N GLN B 42 4.80 15.99 1.29
CA GLN B 42 6.06 16.70 1.32
C GLN B 42 6.99 16.14 2.37
N CYS B 43 6.49 15.89 3.56
CA CYS B 43 7.31 15.34 4.64
C CYS B 43 7.70 13.89 4.41
N ALA B 44 6.92 13.16 3.61
CA ALA B 44 7.23 11.77 3.29
C ALA B 44 8.40 11.66 2.30
N GLU B 45 8.70 12.70 1.53
CA GLU B 45 9.69 12.56 0.46
C GLU B 45 11.07 12.11 0.92
N ALA B 46 11.57 12.72 1.99
CA ALA B 46 12.94 12.47 2.43
C ALA B 46 13.19 11.20 3.22
N VAL B 47 12.13 10.55 3.73
CA VAL B 47 12.31 9.39 4.58
C VAL B 47 12.44 8.11 3.80
N ASP B 48 13.41 7.25 4.13
CA ASP B 48 13.52 5.92 3.53
C ASP B 48 13.11 4.87 4.57
N LYS B 49 13.02 5.26 5.86
CA LYS B 49 12.55 4.40 6.93
C LYS B 49 11.47 5.16 7.66
N CYS B 50 10.50 4.41 8.19
CA CYS B 50 9.40 5.04 8.89
C CYS B 50 9.93 5.76 10.13
N PRO B 51 9.63 7.07 10.34
CA PRO B 51 10.13 7.74 11.54
C PRO B 51 9.47 7.30 12.83
N MET B 52 8.42 6.45 12.77
CA MET B 52 7.77 5.93 13.98
C MET B 52 8.39 4.60 14.40
N CYS B 53 8.51 3.64 13.47
CA CYS B 53 8.95 2.28 13.75
C CYS B 53 10.24 1.88 13.08
N TYR B 54 10.81 2.71 12.17
CA TYR B 54 12.09 2.50 11.49
C TYR B 54 12.09 1.31 10.54
N THR B 55 10.91 0.85 10.13
CA THR B 55 10.82 -0.15 9.09
C THR B 55 11.14 0.53 7.77
N VAL B 56 11.89 -0.15 6.91
CA VAL B 56 12.21 0.38 5.60
C VAL B 56 10.89 0.59 4.85
N ILE B 57 10.76 1.72 4.19
CA ILE B 57 9.57 2.02 3.40
C ILE B 57 9.75 1.49 1.99
N THR B 58 8.92 0.54 1.58
CA THR B 58 8.99 0.01 0.23
C THR B 58 8.19 0.86 -0.74
N PHE B 59 7.05 1.42 -0.31
CA PHE B 59 6.22 2.24 -1.16
C PHE B 59 5.43 3.26 -0.36
N LYS B 60 5.26 4.45 -0.90
CA LYS B 60 4.51 5.54 -0.29
C LYS B 60 3.20 5.68 -1.04
N GLN B 61 2.16 5.21 -0.41
CA GLN B 61 0.83 5.24 -1.00
C GLN B 61 0.02 6.47 -0.60
N LYS B 62 -0.43 7.23 -1.59
CA LYS B 62 -1.25 8.37 -1.36
C LYS B 62 -2.65 7.91 -0.95
N ILE B 63 -3.26 8.60 0.01
CA ILE B 63 -4.60 8.28 0.52
C ILE B 63 -5.64 9.24 0.00
N PHE B 64 -6.89 8.76 -0.04
CA PHE B 64 -8.05 9.55 -0.43
C PHE B 64 -9.18 9.15 0.52
N MET B 65 -9.80 10.15 1.13
CA MET B 65 -10.89 9.93 2.06
C MET B 65 -12.24 9.92 1.32
N SER B 66 -12.29 10.42 0.08
CA SER B 66 -13.48 10.42 -0.76
C SER B 66 -13.13 10.31 -2.25
N SER C 2 -4.72 -28.72 6.70
CA SER C 2 -4.14 -27.93 5.64
C SER C 2 -5.08 -26.80 5.21
N MET C 3 -4.52 -25.64 4.88
CA MET C 3 -5.31 -24.49 4.48
C MET C 3 -4.52 -23.75 3.47
N GLN C 4 -5.13 -22.85 2.65
CA GLN C 4 -4.49 -22.05 1.64
C GLN C 4 -4.36 -20.63 2.14
N ILE C 5 -3.18 -20.02 1.96
CA ILE C 5 -2.98 -18.60 2.21
C ILE C 5 -2.56 -17.98 0.88
N LEU C 6 -2.67 -16.65 0.80
CA LEU C 6 -2.37 -15.90 -0.39
C LEU C 6 -1.22 -14.94 -0.14
N VAL C 7 -0.34 -14.75 -1.12
CA VAL C 7 0.80 -13.87 -0.98
C VAL C 7 0.85 -12.90 -2.14
N THR C 8 0.88 -11.59 -1.84
CA THR C 8 1.07 -10.55 -2.86
C THR C 8 2.53 -10.16 -2.78
N THR C 9 3.19 -10.00 -3.94
N THR C 9 3.23 -10.09 -3.94
CA THR C 9 4.60 -9.68 -3.98
CA THR C 9 4.65 -9.73 -3.98
C THR C 9 4.79 -8.24 -4.39
C THR C 9 4.84 -8.28 -4.41
N ILE C 10 5.76 -7.56 -3.75
CA ILE C 10 6.13 -6.18 -4.07
C ILE C 10 7.66 -6.11 -4.10
N SER C 11 8.22 -5.44 -5.09
N SER C 11 8.19 -5.32 -5.03
CA SER C 11 9.68 -5.39 -5.18
CA SER C 11 9.63 -5.14 -5.17
C SER C 11 10.28 -4.30 -4.27
C SER C 11 10.20 -4.26 -4.10
N ALA C 12 11.27 -4.70 -3.43
CA ALA C 12 11.95 -3.84 -2.44
C ALA C 12 12.71 -2.71 -3.12
N GLU C 13 13.24 -2.99 -4.33
CA GLU C 13 14.01 -2.04 -5.11
C GLU C 13 13.19 -1.51 -6.27
N THR C 14 13.48 -0.29 -6.67
CA THR C 14 12.76 0.33 -7.77
C THR C 14 13.45 0.08 -9.12
N ILE C 15 12.68 0.18 -10.21
CA ILE C 15 13.18 0.15 -11.60
C ILE C 15 13.51 1.63 -11.83
N ARG C 16 14.70 1.99 -12.34
CA ARG C 16 15.04 3.39 -12.62
C ARG C 16 14.87 3.60 -14.11
N LEU C 17 14.18 4.67 -14.52
CA LEU C 17 13.96 4.96 -15.94
C LEU C 17 14.46 6.35 -16.24
N GLU C 18 15.18 6.52 -17.35
CA GLU C 18 15.62 7.83 -17.83
C GLU C 18 14.55 8.27 -18.81
N VAL C 19 13.85 9.38 -18.49
CA VAL C 19 12.72 9.84 -19.30
C VAL C 19 12.79 11.34 -19.49
N GLU C 20 11.91 11.84 -20.32
CA GLU C 20 11.70 13.26 -20.53
C GLU C 20 10.30 13.58 -20.02
N PRO C 21 10.06 14.79 -19.50
CA PRO C 21 8.70 15.17 -19.10
C PRO C 21 7.64 15.06 -20.22
N SER C 22 8.06 15.21 -21.48
CA SER C 22 7.15 15.10 -22.62
C SER C 22 6.99 13.66 -23.12
N ASP C 23 7.56 12.65 -22.44
CA ASP C 23 7.35 11.28 -22.90
C ASP C 23 5.93 10.86 -22.55
N THR C 24 5.31 10.11 -23.46
CA THR C 24 3.96 9.59 -23.24
C THR C 24 4.02 8.41 -22.32
N ILE C 25 2.88 8.05 -21.72
CA ILE C 25 2.83 6.87 -20.85
C ILE C 25 3.12 5.63 -21.70
N GLU C 26 2.66 5.62 -22.95
CA GLU C 26 2.92 4.51 -23.88
C GLU C 26 4.44 4.33 -24.06
N ASN C 27 5.20 5.44 -24.18
CA ASN C 27 6.67 5.37 -24.30
C ASN C 27 7.29 4.82 -23.02
N VAL C 28 6.77 5.22 -21.84
CA VAL C 28 7.27 4.74 -20.57
C VAL C 28 7.07 3.23 -20.47
N LYS C 29 5.90 2.73 -20.90
CA LYS C 29 5.65 1.29 -20.85
C LYS C 29 6.57 0.55 -21.80
N ALA C 30 6.91 1.17 -22.95
CA ALA C 30 7.84 0.55 -23.88
C ALA C 30 9.25 0.49 -23.27
N LYS C 31 9.64 1.50 -22.48
CA LYS C 31 10.94 1.49 -21.79
C LYS C 31 10.97 0.40 -20.73
N ILE C 32 9.84 0.19 -20.04
CA ILE C 32 9.75 -0.88 -19.04
C ILE C 32 9.82 -2.24 -19.75
N GLN C 33 9.20 -2.37 -20.94
CA GLN C 33 9.27 -3.64 -21.70
C GLN C 33 10.71 -3.92 -22.11
N ASP C 34 11.44 -2.91 -22.59
CA ASP C 34 12.83 -3.11 -23.02
C ASP C 34 13.74 -3.48 -21.83
N LYS C 35 13.54 -2.86 -20.66
CA LYS C 35 14.35 -3.14 -19.47
C LYS C 35 13.96 -4.43 -18.71
N GLU C 36 12.66 -4.69 -18.53
CA GLU C 36 12.18 -5.82 -17.72
C GLU C 36 11.47 -6.96 -18.47
N GLY C 37 11.15 -6.78 -19.74
CA GLY C 37 10.47 -7.81 -20.53
C GLY C 37 8.98 -7.93 -20.28
N ILE C 38 8.36 -6.92 -19.66
CA ILE C 38 6.91 -6.95 -19.38
C ILE C 38 6.19 -6.29 -20.55
N PRO C 39 5.33 -7.00 -21.31
CA PRO C 39 4.60 -6.34 -22.40
C PRO C 39 3.67 -5.22 -21.90
N PRO C 40 3.52 -4.12 -22.67
CA PRO C 40 2.69 -2.99 -22.19
C PRO C 40 1.26 -3.34 -21.79
N ASP C 41 0.63 -4.29 -22.50
CA ASP C 41 -0.72 -4.78 -22.17
C ASP C 41 -0.87 -5.41 -20.79
N GLN C 42 0.24 -5.86 -20.18
CA GLN C 42 0.24 -6.45 -18.85
C GLN C 42 0.71 -5.44 -17.80
N GLN C 43 0.83 -4.14 -18.18
CA GLN C 43 1.26 -3.10 -17.26
C GLN C 43 0.12 -2.16 -16.97
N ARG C 44 -0.07 -1.82 -15.71
CA ARG C 44 -1.00 -0.77 -15.29
C ARG C 44 -0.15 0.14 -14.37
N LEU C 45 0.02 1.41 -14.77
CA LEU C 45 0.84 2.36 -14.00
C LEU C 45 -0.03 3.32 -13.26
N PHE C 46 0.40 3.62 -12.02
CA PHE C 46 -0.28 4.56 -11.16
C PHE C 46 0.69 5.59 -10.61
N PHE C 47 0.22 6.82 -10.49
CA PHE C 47 0.99 7.89 -9.84
C PHE C 47 0.04 8.52 -8.86
N GLU C 48 0.40 8.50 -7.58
CA GLU C 48 -0.41 9.08 -6.51
C GLU C 48 -1.89 8.64 -6.60
N GLY C 49 -2.09 7.35 -6.84
CA GLY C 49 -3.40 6.74 -6.91
C GLY C 49 -4.13 6.79 -8.23
N LYS C 50 -3.59 7.54 -9.20
CA LYS C 50 -4.28 7.66 -10.49
C LYS C 50 -3.69 6.77 -11.52
N GLN C 51 -4.56 6.11 -12.27
CA GLN C 51 -4.12 5.22 -13.34
C GLN C 51 -3.73 6.05 -14.54
N LEU C 52 -2.53 5.78 -15.09
CA LEU C 52 -1.99 6.61 -16.19
C LEU C 52 -2.43 6.12 -17.55
N GLU C 53 -2.93 7.07 -18.38
CA GLU C 53 -3.46 6.83 -19.72
C GLU C 53 -2.38 6.93 -20.74
N ASP C 54 -2.34 5.98 -21.66
CA ASP C 54 -1.28 5.84 -22.67
C ASP C 54 -0.88 7.09 -23.43
N GLY C 55 -1.86 7.87 -23.89
CA GLY C 55 -1.63 9.07 -24.71
C GLY C 55 -1.20 10.33 -23.99
N ARG C 56 -1.32 10.33 -22.66
CA ARG C 56 -0.93 11.48 -21.85
C ARG C 56 0.56 11.38 -21.60
N THR C 57 1.17 12.46 -21.14
CA THR C 57 2.60 12.49 -20.86
C THR C 57 2.87 12.56 -19.38
N LEU C 58 4.12 12.35 -19.03
CA LEU C 58 4.50 12.47 -17.63
C LEU C 58 4.21 13.86 -17.06
N SER C 59 4.52 14.93 -17.82
CA SER C 59 4.26 16.29 -17.32
C SER C 59 2.78 16.55 -17.17
N ASP C 60 1.92 15.89 -17.99
CA ASP C 60 0.45 16.03 -17.85
C ASP C 60 -0.02 15.61 -16.45
N TYR C 61 0.68 14.64 -15.83
CA TYR C 61 0.37 14.15 -14.47
C TYR C 61 1.26 14.79 -13.36
N ASN C 62 2.06 15.82 -13.71
N ASN C 62 2.07 15.82 -13.69
CA ASN C 62 2.95 16.46 -12.77
CA ASN C 62 3.00 16.49 -12.78
C ASN C 62 4.00 15.47 -12.19
C ASN C 62 4.11 15.56 -12.25
N ILE C 63 4.45 14.52 -13.02
CA ILE C 63 5.50 13.57 -12.66
C ILE C 63 6.84 14.25 -12.97
N ASN C 64 7.66 14.45 -11.96
CA ASN C 64 8.93 15.18 -12.07
C ASN C 64 10.07 14.29 -11.59
N LYS C 65 11.31 14.81 -11.63
CA LYS C 65 12.49 14.06 -11.24
C LYS C 65 12.31 13.37 -9.90
N LYS C 66 12.74 12.12 -9.84
CA LYS C 66 12.70 11.30 -8.65
C LYS C 66 11.25 10.96 -8.16
N SER C 67 10.18 11.19 -8.99
CA SER C 67 8.82 10.75 -8.62
C SER C 67 8.82 9.23 -8.66
N THR C 68 7.94 8.57 -7.90
CA THR C 68 7.84 7.11 -7.93
C THR C 68 6.46 6.72 -8.44
N LEU C 69 6.42 5.80 -9.37
CA LEU C 69 5.19 5.25 -9.91
C LEU C 69 5.03 3.83 -9.36
N LEU C 70 3.80 3.32 -9.35
CA LEU C 70 3.52 1.95 -8.97
C LEU C 70 3.11 1.25 -10.25
N LEU C 71 3.76 0.14 -10.54
CA LEU C 71 3.45 -0.70 -11.69
C LEU C 71 2.75 -1.97 -11.18
N VAL C 72 1.46 -2.16 -11.53
CA VAL C 72 0.73 -3.37 -11.20
C VAL C 72 0.89 -4.30 -12.40
N VAL C 73 1.52 -5.45 -12.18
CA VAL C 73 1.85 -6.40 -13.24
C VAL C 73 0.95 -7.59 -13.21
N LYS C 74 0.40 -7.93 -14.40
CA LYS C 74 -0.42 -9.13 -14.63
C LYS C 74 0.57 -10.20 -15.10
N PHE C 75 0.59 -11.36 -14.43
CA PHE C 75 1.50 -12.48 -14.69
C PHE C 75 2.93 -12.09 -14.21
N HIS C 76 4.00 -12.69 -14.79
CA HIS C 76 5.40 -12.40 -14.47
C HIS C 76 5.71 -12.47 -12.96
N SER D 2 16.07 15.65 -19.58
CA SER D 2 16.19 14.25 -19.15
C SER D 2 16.14 14.14 -17.63
N MET D 3 15.39 13.18 -17.11
CA MET D 3 15.28 12.98 -15.66
C MET D 3 15.11 11.54 -15.35
N GLN D 4 15.28 11.18 -14.07
CA GLN D 4 15.09 9.84 -13.62
C GLN D 4 13.78 9.73 -12.86
N ILE D 5 13.00 8.68 -13.11
CA ILE D 5 11.83 8.36 -12.31
C ILE D 5 12.04 6.94 -11.82
N LEU D 6 11.32 6.57 -10.79
CA LEU D 6 11.45 5.27 -10.16
C LEU D 6 10.14 4.53 -10.26
N VAL D 7 10.17 3.19 -10.43
CA VAL D 7 8.95 2.39 -10.53
C VAL D 7 9.05 1.22 -9.57
N THR D 8 8.07 1.07 -8.68
CA THR D 8 7.94 -0.07 -7.78
C THR D 8 6.95 -1.01 -8.41
N THR D 9 7.26 -2.32 -8.44
N THR D 9 7.27 -2.32 -8.48
CA THR D 9 6.41 -3.31 -9.07
CA THR D 9 6.34 -3.28 -9.05
C THR D 9 5.67 -4.17 -8.04
C THR D 9 5.60 -4.02 -7.96
N ILE D 10 4.35 -4.36 -8.24
CA ILE D 10 3.50 -5.18 -7.35
C ILE D 10 2.73 -6.18 -8.21
N SER D 11 2.53 -7.39 -7.68
N SER D 11 2.61 -7.44 -7.76
CA SER D 11 1.83 -8.43 -8.42
CA SER D 11 1.94 -8.44 -8.57
C SER D 11 0.35 -8.17 -8.44
C SER D 11 0.42 -8.34 -8.45
N ALA D 12 -0.27 -8.30 -9.61
CA ALA D 12 -1.73 -8.17 -9.71
C ALA D 12 -2.41 -9.37 -9.11
N GLU D 13 -1.76 -10.55 -9.19
CA GLU D 13 -2.33 -11.79 -8.66
C GLU D 13 -1.53 -12.28 -7.50
N THR D 14 -2.16 -13.09 -6.66
CA THR D 14 -1.48 -13.64 -5.52
C THR D 14 -0.89 -15.02 -5.82
N ILE D 15 0.13 -15.40 -5.03
CA ILE D 15 0.74 -16.74 -5.00
C ILE D 15 -0.16 -17.49 -4.01
N ARG D 16 -0.59 -18.73 -4.32
CA ARG D 16 -1.42 -19.53 -3.43
C ARG D 16 -0.51 -20.57 -2.80
N LEU D 17 -0.46 -20.65 -1.46
CA LEU D 17 0.38 -21.63 -0.77
C LEU D 17 -0.47 -22.53 0.09
N GLU D 18 -0.20 -23.86 0.19
CA GLU D 18 -0.89 -24.81 0.98
C GLU D 18 -0.02 -24.93 2.21
N VAL D 19 -0.55 -24.58 3.36
CA VAL D 19 0.24 -24.55 4.57
C VAL D 19 -0.60 -25.11 5.72
N GLU D 20 0.03 -25.26 6.87
CA GLU D 20 -0.65 -25.68 8.06
C GLU D 20 -0.52 -24.52 9.04
N PRO D 21 -1.48 -24.34 9.98
CA PRO D 21 -1.32 -23.28 10.99
C PRO D 21 -0.05 -23.41 11.84
N SER D 22 0.48 -24.63 12.03
CA SER D 22 1.69 -24.83 12.82
C SER D 22 2.99 -24.70 12.02
N ASP D 23 2.91 -24.36 10.70
CA ASP D 23 4.12 -24.14 9.92
C ASP D 23 4.82 -22.88 10.39
N THR D 24 6.14 -22.93 10.47
CA THR D 24 6.93 -21.79 10.83
C THR D 24 7.01 -20.84 9.65
N ILE D 25 7.37 -19.61 9.91
CA ILE D 25 7.58 -18.63 8.83
C ILE D 25 8.78 -19.07 7.97
N GLU D 26 9.80 -19.72 8.56
CA GLU D 26 10.94 -20.28 7.80
C GLU D 26 10.40 -21.31 6.80
N ASN D 27 9.43 -22.15 7.21
CA ASN D 27 8.84 -23.15 6.32
C ASN D 27 8.08 -22.46 5.20
N VAL D 28 7.35 -21.38 5.51
CA VAL D 28 6.59 -20.66 4.50
C VAL D 28 7.53 -20.08 3.45
N LYS D 29 8.68 -19.54 3.89
CA LYS D 29 9.65 -18.99 2.96
C LYS D 29 10.24 -20.08 2.07
N ALA D 30 10.48 -21.27 2.65
CA ALA D 30 10.99 -22.44 1.90
C ALA D 30 9.97 -22.85 0.83
N LYS D 31 8.67 -22.76 1.15
CA LYS D 31 7.62 -23.06 0.17
C LYS D 31 7.59 -22.03 -0.97
N ILE D 32 7.80 -20.73 -0.64
CA ILE D 32 7.84 -19.68 -1.65
C ILE D 32 9.07 -19.91 -2.56
N GLN D 33 10.18 -20.35 -1.98
CA GLN D 33 11.38 -20.64 -2.75
C GLN D 33 11.10 -21.79 -3.71
N ASP D 34 10.42 -22.83 -3.22
N ASP D 34 10.43 -22.85 -3.24
CA ASP D 34 10.07 -24.01 -4.00
CA ASP D 34 10.12 -24.00 -4.09
C ASP D 34 9.16 -23.68 -5.19
C ASP D 34 9.19 -23.63 -5.26
N LYS D 35 8.17 -22.78 -5.00
CA LYS D 35 7.24 -22.38 -6.06
C LYS D 35 7.77 -21.30 -6.98
N GLU D 36 8.35 -20.23 -6.42
CA GLU D 36 8.77 -19.06 -7.19
C GLU D 36 10.27 -18.91 -7.43
N GLY D 37 11.10 -19.67 -6.74
CA GLY D 37 12.55 -19.62 -6.90
C GLY D 37 13.23 -18.50 -6.15
N ILE D 38 12.50 -17.79 -5.28
CA ILE D 38 13.04 -16.67 -4.52
C ILE D 38 13.79 -17.21 -3.30
N PRO D 39 15.11 -16.93 -3.13
CA PRO D 39 15.80 -17.43 -1.93
C PRO D 39 15.19 -16.86 -0.64
N PRO D 40 15.06 -17.65 0.45
CA PRO D 40 14.51 -17.11 1.70
C PRO D 40 15.20 -15.86 2.21
N ASP D 41 16.53 -15.71 1.99
CA ASP D 41 17.25 -14.51 2.43
C ASP D 41 16.78 -13.22 1.72
N GLN D 42 16.12 -13.35 0.56
CA GLN D 42 15.61 -12.22 -0.20
C GLN D 42 14.14 -11.93 0.11
N GLN D 43 13.52 -12.68 1.05
CA GLN D 43 12.11 -12.52 1.39
C GLN D 43 11.94 -11.85 2.74
N ARG D 44 10.99 -10.90 2.82
CA ARG D 44 10.52 -10.31 4.07
C ARG D 44 9.00 -10.40 3.98
N LEU D 45 8.37 -11.07 4.94
CA LEU D 45 6.93 -11.30 4.96
C LEU D 45 6.26 -10.45 5.99
N PHE D 46 5.10 -9.88 5.62
CA PHE D 46 4.32 -9.04 6.51
C PHE D 46 2.89 -9.50 6.55
N PHE D 47 2.27 -9.41 7.74
CA PHE D 47 0.83 -9.66 7.86
C PHE D 47 0.25 -8.51 8.65
N GLU D 48 -0.71 -7.80 8.07
CA GLU D 48 -1.36 -6.67 8.70
C GLU D 48 -0.33 -5.67 9.27
N GLY D 49 0.73 -5.44 8.50
CA GLY D 49 1.79 -4.51 8.88
C GLY D 49 2.92 -5.03 9.73
N LYS D 50 2.79 -6.27 10.23
CA LYS D 50 3.77 -6.86 11.14
C LYS D 50 4.77 -7.70 10.36
N GLN D 51 6.06 -7.51 10.59
CA GLN D 51 7.11 -8.32 9.94
C GLN D 51 7.15 -9.65 10.64
N LEU D 52 7.12 -10.73 9.88
CA LEU D 52 7.01 -12.08 10.44
C LEU D 52 8.38 -12.68 10.70
N GLU D 53 8.57 -13.24 11.91
CA GLU D 53 9.84 -13.81 12.36
C GLU D 53 9.92 -15.27 12.00
N ASP D 54 11.05 -15.68 11.45
CA ASP D 54 11.29 -17.05 10.96
C ASP D 54 10.91 -18.20 11.90
N GLY D 55 11.18 -18.07 13.21
CA GLY D 55 10.90 -19.13 14.18
C GLY D 55 9.47 -19.23 14.69
N ARG D 56 8.64 -18.24 14.36
CA ARG D 56 7.25 -18.20 14.80
C ARG D 56 6.40 -18.91 13.78
N THR D 57 5.15 -19.22 14.11
CA THR D 57 4.26 -19.90 13.18
C THR D 57 3.16 -19.02 12.66
N LEU D 58 2.47 -19.52 11.65
CA LEU D 58 1.31 -18.80 11.11
C LEU D 58 0.25 -18.61 12.19
N SER D 59 -0.06 -19.65 13.00
CA SER D 59 -1.08 -19.47 14.04
C SER D 59 -0.62 -18.50 15.15
N ASP D 60 0.70 -18.39 15.41
CA ASP D 60 1.21 -17.38 16.38
C ASP D 60 0.80 -15.97 15.99
N TYR D 61 0.64 -15.72 14.69
CA TYR D 61 0.21 -14.42 14.17
C TYR D 61 -1.28 -14.33 13.82
N ASN D 62 -2.07 -15.35 14.20
N ASN D 62 -2.10 -15.33 14.19
CA ASN D 62 -3.48 -15.46 13.89
CA ASN D 62 -3.53 -15.35 13.84
C ASN D 62 -3.74 -15.41 12.37
C ASN D 62 -3.74 -15.40 12.33
N ILE D 63 -2.83 -16.02 11.58
CA ILE D 63 -2.95 -16.13 10.13
C ILE D 63 -3.79 -17.38 9.89
N ASN D 64 -4.98 -17.21 9.28
CA ASN D 64 -5.94 -18.30 9.06
C ASN D 64 -6.23 -18.47 7.56
N LYS D 65 -7.13 -19.42 7.20
CA LYS D 65 -7.43 -19.69 5.80
C LYS D 65 -7.81 -18.45 5.03
N LYS D 66 -7.23 -18.32 3.85
CA LYS D 66 -7.44 -17.25 2.89
C LYS D 66 -6.93 -15.90 3.35
N SER D 67 -6.06 -15.85 4.41
CA SER D 67 -5.39 -14.60 4.78
C SER D 67 -4.41 -14.26 3.70
N THR D 68 -4.11 -12.97 3.55
CA THR D 68 -3.13 -12.51 2.59
C THR D 68 -1.90 -11.92 3.28
N LEU D 69 -0.72 -12.35 2.86
CA LEU D 69 0.53 -11.78 3.37
C LEU D 69 1.12 -10.92 2.25
N LEU D 70 1.97 -9.96 2.64
CA LEU D 70 2.72 -9.17 1.69
C LEU D 70 4.15 -9.69 1.73
N LEU D 71 4.68 -10.06 0.56
CA LEU D 71 6.06 -10.46 0.40
C LEU D 71 6.85 -9.33 -0.23
N VAL D 72 7.80 -8.75 0.52
CA VAL D 72 8.69 -7.73 0.00
C VAL D 72 9.93 -8.50 -0.49
N VAL D 73 10.21 -8.44 -1.80
CA VAL D 73 11.33 -9.17 -2.39
C VAL D 73 12.51 -8.25 -2.57
N LYS D 74 13.69 -8.64 -2.04
CA LYS D 74 14.91 -7.81 -2.08
C LYS D 74 15.44 -7.56 -3.47
N PHE D 75 15.50 -8.59 -4.34
CA PHE D 75 15.96 -8.46 -5.71
C PHE D 75 15.03 -9.19 -6.68
#